data_3LFT
#
_entry.id   3LFT
#
_cell.length_a   54.619
_cell.length_b   68.630
_cell.length_c   137.410
_cell.angle_alpha   90.000
_cell.angle_beta   90.000
_cell.angle_gamma   90.000
#
_symmetry.space_group_name_H-M   'P 21 21 21'
#
loop_
_entity.id
_entity.type
_entity.pdbx_description
1 polymer 'uncharacterized protein'
2 non-polymer TRYPTOPHAN
3 water water
#
_entity_poly.entity_id   1
_entity_poly.type   'polypeptide(L)'
_entity_poly.pdbx_seq_one_letter_code
;SNAKIGVLQFVSHPSLDLIYKGIQDGLAEEGYKDDQVKIDF(MSE)NSEGDQSKVAT(MSE)SKQLVANGNDLVVGIATP
AAQGLASATKDLPVI(MSE)AAITDPIGANLVKDLKKPGGNVTGVSDHNPAQQQVELIKALTPNVKTIGALYSSSEDNSK
TQVEEFKAYAEKAGLTVETFAVPSTNEIASTVTV(MSE)TSKVDAIWVPIDNTIASGFPTVVSSNQSSKKPIYPSATA
(MSE)VEVGGLASVVIDQHDLGVATGK(MSE)IVQVLKGAKPADTPVNVFSTGKSVINKKIAQELGITIPESVLKEAGQV
I
;
_entity_poly.pdbx_strand_id   A,B
#
# COMPACT_ATOMS: atom_id res chain seq x y z
N SER A 1 -17.39 -25.41 -3.35
CA SER A 1 -18.63 -26.02 -2.74
C SER A 1 -18.29 -26.65 -1.40
N ASN A 2 -19.30 -26.74 -0.52
CA ASN A 2 -19.16 -27.33 0.81
C ASN A 2 -17.98 -26.82 1.60
N ALA A 3 -17.79 -25.50 1.64
CA ALA A 3 -16.60 -24.92 2.29
C ALA A 3 -16.57 -25.18 3.79
N LYS A 4 -15.43 -25.71 4.26
CA LYS A 4 -15.23 -26.01 5.68
C LYS A 4 -13.85 -25.56 6.07
N ILE A 5 -13.73 -24.75 7.11
CA ILE A 5 -12.38 -24.34 7.57
C ILE A 5 -12.24 -24.51 9.07
N GLY A 6 -11.02 -24.81 9.50
CA GLY A 6 -10.71 -24.84 10.92
C GLY A 6 -9.87 -23.62 11.27
N VAL A 7 -10.15 -23.04 12.43
CA VAL A 7 -9.43 -21.84 12.90
C VAL A 7 -8.92 -22.08 14.31
N LEU A 8 -7.60 -21.92 14.50
CA LEU A 8 -7.00 -22.02 15.83
C LEU A 8 -6.50 -20.63 16.20
N GLN A 9 -7.11 -20.06 17.23
CA GLN A 9 -6.62 -18.81 17.80
C GLN A 9 -5.72 -19.17 18.98
N PHE A 10 -4.51 -18.61 19.01
CA PHE A 10 -3.52 -19.06 19.99
C PHE A 10 -4.00 -18.80 21.42
N VAL A 11 -4.56 -17.61 21.68
CA VAL A 11 -4.91 -17.19 23.04
C VAL A 11 -5.90 -16.06 22.90
N SER A 12 -6.61 -15.78 23.99
CA SER A 12 -7.47 -14.60 24.03
C SER A 12 -6.65 -13.39 24.45
N HIS A 13 -6.40 -12.50 23.48
CA HIS A 13 -6.07 -11.13 23.83
C HIS A 13 -6.80 -10.24 22.81
N PRO A 14 -7.08 -8.98 23.16
CA PRO A 14 -8.07 -8.28 22.30
C PRO A 14 -7.66 -8.11 20.85
N SER A 15 -6.36 -7.97 20.59
CA SER A 15 -5.89 -7.86 19.21
C SER A 15 -6.25 -9.09 18.38
N LEU A 16 -6.05 -10.27 18.95
CA LEU A 16 -6.39 -11.49 18.21
C LEU A 16 -7.89 -11.61 17.98
N ASP A 17 -8.69 -11.22 18.97
CA ASP A 17 -10.14 -11.22 18.77
C ASP A 17 -10.56 -10.32 17.61
N LEU A 18 -9.91 -9.17 17.48
CA LEU A 18 -10.22 -8.24 16.39
C LEU A 18 -9.75 -8.79 15.03
N ILE A 19 -8.59 -9.44 15.00
CA ILE A 19 -8.17 -10.14 13.79
C ILE A 19 -9.22 -11.19 13.38
N TYR A 20 -9.71 -11.97 14.33
CA TYR A 20 -10.71 -12.97 13.99
C TYR A 20 -12.00 -12.32 13.46
N LYS A 21 -12.43 -11.21 14.06
CA LYS A 21 -13.58 -10.45 13.55
CA LYS A 21 -13.59 -10.51 13.54
C LYS A 21 -13.32 -10.06 12.10
N GLY A 22 -12.11 -9.55 11.83
CA GLY A 22 -11.71 -9.20 10.46
C GLY A 22 -11.75 -10.37 9.49
N ILE A 23 -11.29 -11.54 9.94
CA ILE A 23 -11.37 -12.75 9.12
C ILE A 23 -12.82 -13.02 8.70
N GLN A 24 -13.72 -13.00 9.69
CA GLN A 24 -15.13 -13.23 9.43
C GLN A 24 -15.70 -12.18 8.48
N ASP A 25 -15.30 -10.92 8.65
CA ASP A 25 -15.80 -9.87 7.78
C ASP A 25 -15.31 -10.09 6.36
N GLY A 26 -14.04 -10.50 6.21
CA GLY A 26 -13.46 -10.67 4.86
C GLY A 26 -14.09 -11.85 4.15
N LEU A 27 -14.30 -12.96 4.88
CA LEU A 27 -15.06 -14.09 4.34
C LEU A 27 -16.46 -13.69 3.90
N ALA A 28 -17.16 -12.96 4.76
CA ALA A 28 -18.54 -12.59 4.47
C ALA A 28 -18.64 -11.69 3.24
N GLU A 29 -17.68 -10.79 3.06
CA GLU A 29 -17.67 -9.89 1.90
C GLU A 29 -17.59 -10.66 0.59
N GLU A 30 -16.96 -11.84 0.64
CA GLU A 30 -16.81 -12.70 -0.53
C GLU A 30 -17.94 -13.73 -0.67
N GLY A 31 -18.92 -13.67 0.22
CA GLY A 31 -20.07 -14.60 0.19
C GLY A 31 -19.96 -15.81 1.10
N TYR A 32 -18.83 -15.94 1.79
CA TYR A 32 -18.61 -17.07 2.67
C TYR A 32 -19.14 -16.75 4.07
N LYS A 33 -20.46 -16.93 4.22
CA LYS A 33 -21.14 -16.67 5.49
C LYS A 33 -22.36 -17.58 5.58
N ASP A 34 -22.95 -17.66 6.78
CA ASP A 34 -24.15 -18.49 7.02
C ASP A 34 -23.95 -19.91 6.49
N ASP A 35 -24.86 -20.36 5.62
CA ASP A 35 -24.83 -21.74 5.12
C ASP A 35 -23.70 -22.02 4.12
N GLN A 36 -22.98 -20.99 3.66
CA GLN A 36 -21.92 -21.15 2.65
C GLN A 36 -20.55 -21.55 3.22
N VAL A 37 -20.41 -21.47 4.53
CA VAL A 37 -19.15 -21.89 5.16
C VAL A 37 -19.40 -22.45 6.55
N LYS A 38 -18.66 -23.50 6.90
CA LYS A 38 -18.67 -24.03 8.24
C LYS A 38 -17.30 -23.78 8.86
N ILE A 39 -17.29 -22.98 9.93
CA ILE A 39 -16.06 -22.64 10.65
C ILE A 39 -16.01 -23.43 11.94
N ASP A 40 -14.96 -24.23 12.09
CA ASP A 40 -14.67 -24.88 13.38
C ASP A 40 -13.59 -24.07 14.09
N PHE A 41 -14.00 -23.32 15.10
CA PHE A 41 -13.14 -22.42 15.84
C PHE A 41 -12.68 -23.02 17.15
N MSE A 42 -11.39 -22.91 17.41
CA MSE A 42 -10.82 -23.37 18.68
C MSE A 42 -9.81 -22.35 19.20
O MSE A 42 -9.17 -21.66 18.41
CB MSE A 42 -10.11 -24.72 18.50
CG MSE A 42 -10.96 -25.80 17.84
SE MSE A 42 -10.15 -27.56 18.00
CE MSE A 42 -10.77 -27.93 19.81
N ASN A 43 -9.69 -22.27 20.52
CA ASN A 43 -8.75 -21.34 21.16
C ASN A 43 -7.88 -22.15 22.14
N SER A 44 -6.58 -22.15 21.89
CA SER A 44 -5.63 -22.90 22.71
C SER A 44 -5.25 -22.22 24.03
N GLU A 45 -5.79 -21.02 24.29
CA GLU A 45 -5.66 -20.42 25.62
CA GLU A 45 -5.65 -20.34 25.59
C GLU A 45 -4.20 -20.20 26.02
N GLY A 46 -3.32 -19.98 25.05
CA GLY A 46 -1.90 -19.77 25.32
C GLY A 46 -1.12 -20.99 25.78
N ASP A 47 -1.75 -22.17 25.67
CA ASP A 47 -1.20 -23.39 26.23
C ASP A 47 -0.66 -24.26 25.09
N GLN A 48 0.64 -24.51 25.07
CA GLN A 48 1.24 -25.31 23.99
C GLN A 48 0.71 -26.73 23.92
N SER A 49 0.27 -27.28 25.06
CA SER A 49 -0.34 -28.60 25.04
C SER A 49 -1.63 -28.57 24.23
N LYS A 50 -2.43 -27.53 24.42
CA LYS A 50 -3.67 -27.36 23.68
C LYS A 50 -3.35 -27.08 22.20
N VAL A 51 -2.29 -26.34 21.93
CA VAL A 51 -1.90 -26.11 20.54
C VAL A 51 -1.69 -27.44 19.84
N ALA A 52 -0.96 -28.35 20.49
CA ALA A 52 -0.68 -29.65 19.86
C ALA A 52 -1.95 -30.48 19.68
N THR A 53 -2.76 -30.58 20.73
CA THR A 53 -3.95 -31.41 20.65
C THR A 53 -4.98 -30.86 19.67
N MSE A 54 -5.19 -29.55 19.72
CA MSE A 54 -6.16 -28.92 18.83
C MSE A 54 -5.69 -28.92 17.40
O MSE A 54 -6.50 -29.16 16.50
CB MSE A 54 -6.48 -27.50 19.29
CG MSE A 54 -7.21 -27.52 20.63
SE MSE A 54 -7.54 -25.72 21.32
CE MSE A 54 -8.66 -26.20 22.79
N SER A 55 -4.40 -28.68 17.16
CA SER A 55 -3.88 -28.76 15.79
C SER A 55 -4.09 -30.13 15.20
N LYS A 56 -3.81 -31.17 15.99
CA LYS A 56 -3.97 -32.53 15.51
C LYS A 56 -5.42 -32.78 15.08
N GLN A 57 -6.37 -32.30 15.88
CA GLN A 57 -7.79 -32.46 15.58
C GLN A 57 -8.17 -31.70 14.30
N LEU A 58 -7.77 -30.43 14.21
CA LEU A 58 -8.21 -29.55 13.12
C LEU A 58 -7.74 -30.01 11.74
N VAL A 59 -6.59 -30.67 11.69
CA VAL A 59 -6.04 -31.07 10.38
C VAL A 59 -6.53 -32.44 9.93
N ALA A 60 -7.30 -33.11 10.78
CA ALA A 60 -7.80 -34.46 10.53
C ALA A 60 -9.32 -34.53 10.58
N ASN A 61 -9.99 -33.41 10.35
CA ASN A 61 -11.45 -33.31 10.50
C ASN A 61 -12.22 -32.85 9.25
N GLY A 62 -11.69 -33.12 8.07
CA GLY A 62 -12.39 -32.78 6.82
C GLY A 62 -12.42 -31.30 6.43
N ASN A 63 -11.61 -30.48 7.07
CA ASN A 63 -11.50 -29.07 6.70
C ASN A 63 -10.78 -28.92 5.37
N ASP A 64 -11.21 -27.95 4.58
CA ASP A 64 -10.56 -27.63 3.31
C ASP A 64 -9.21 -26.96 3.54
N LEU A 65 -9.10 -26.22 4.65
CA LEU A 65 -7.86 -25.56 5.07
C LEU A 65 -7.99 -25.22 6.53
N VAL A 66 -6.87 -24.86 7.16
CA VAL A 66 -6.87 -24.39 8.53
C VAL A 66 -6.19 -23.03 8.60
N VAL A 67 -6.51 -22.28 9.66
CA VAL A 67 -6.05 -20.92 9.86
C VAL A 67 -5.47 -20.82 11.25
N GLY A 68 -4.24 -20.31 11.35
CA GLY A 68 -3.62 -20.11 12.66
C GLY A 68 -3.47 -18.63 12.96
N ILE A 69 -4.16 -18.18 14.00
CA ILE A 69 -4.06 -16.78 14.45
C ILE A 69 -2.98 -16.69 15.50
N ALA A 70 -1.90 -15.99 15.11
CA ALA A 70 -0.64 -15.81 15.86
C ALA A 70 0.32 -16.96 15.58
N THR A 71 1.60 -16.65 15.71
CA THR A 71 2.69 -17.55 15.34
C THR A 71 2.60 -18.95 15.97
N PRO A 72 2.35 -19.05 17.29
CA PRO A 72 2.31 -20.42 17.83
C PRO A 72 1.18 -21.27 17.26
N ALA A 73 0.05 -20.64 16.91
CA ALA A 73 -1.05 -21.40 16.31
C ALA A 73 -0.71 -21.85 14.90
N ALA A 74 -0.16 -20.95 14.08
CA ALA A 74 0.23 -21.33 12.73
C ALA A 74 1.32 -22.41 12.78
N GLN A 75 2.27 -22.29 13.71
CA GLN A 75 3.32 -23.31 13.85
C GLN A 75 2.73 -24.66 14.26
N GLY A 76 1.73 -24.65 15.16
CA GLY A 76 1.10 -25.92 15.53
C GLY A 76 0.45 -26.60 14.35
N LEU A 77 -0.28 -25.83 13.55
CA LEU A 77 -0.97 -26.37 12.39
C LEU A 77 0.04 -26.85 11.33
N ALA A 78 1.06 -26.04 11.05
CA ALA A 78 2.06 -26.41 10.03
C ALA A 78 2.88 -27.64 10.43
N SER A 79 3.04 -27.87 11.73
CA SER A 79 3.71 -29.07 12.21
CA SER A 79 3.72 -29.08 12.17
C SER A 79 2.81 -30.29 12.03
N ALA A 80 1.51 -30.10 12.22
CA ALA A 80 0.53 -31.19 12.21
C ALA A 80 0.18 -31.66 10.79
N THR A 81 0.40 -30.81 9.79
CA THR A 81 0.13 -31.19 8.39
C THR A 81 1.08 -30.55 7.43
N LYS A 82 1.54 -31.34 6.45
CA LYS A 82 2.40 -30.84 5.39
CA LYS A 82 2.39 -30.82 5.38
C LYS A 82 1.63 -30.70 4.08
N ASP A 83 0.38 -31.17 4.06
CA ASP A 83 -0.37 -31.17 2.77
C ASP A 83 -1.66 -30.35 2.75
N LEU A 84 -2.30 -30.17 3.89
CA LEU A 84 -3.50 -29.34 3.96
C LEU A 84 -3.08 -27.86 4.00
N PRO A 85 -3.76 -26.96 3.25
CA PRO A 85 -3.37 -25.56 3.36
C PRO A 85 -3.50 -24.98 4.76
N VAL A 86 -2.46 -24.25 5.17
CA VAL A 86 -2.41 -23.56 6.45
C VAL A 86 -2.27 -22.06 6.15
N ILE A 87 -3.22 -21.28 6.65
CA ILE A 87 -3.20 -19.84 6.43
C ILE A 87 -2.78 -19.14 7.71
N MSE A 88 -1.68 -18.39 7.62
CA MSE A 88 -1.21 -17.58 8.72
C MSE A 88 -2.05 -16.31 8.86
O MSE A 88 -2.24 -15.58 7.88
CB MSE A 88 0.23 -17.13 8.45
CG MSE A 88 1.24 -18.27 8.23
SE MSE A 88 3.04 -17.60 7.85
CE MSE A 88 2.69 -16.56 6.26
N ALA A 89 -2.56 -16.08 10.08
CA ALA A 89 -3.23 -14.81 10.36
C ALA A 89 -2.39 -14.00 11.34
N ALA A 90 -1.63 -13.05 10.79
CA ALA A 90 -0.78 -12.15 11.56
C ALA A 90 0.40 -12.87 12.24
N ILE A 91 1.29 -13.39 11.39
CA ILE A 91 2.55 -14.00 11.84
C ILE A 91 3.64 -12.97 11.53
N THR A 92 4.30 -12.47 12.57
CA THR A 92 5.23 -11.34 12.39
C THR A 92 6.45 -11.67 11.54
N ASP A 93 6.98 -12.88 11.69
CA ASP A 93 8.20 -13.27 10.96
C ASP A 93 8.06 -14.70 10.43
N PRO A 94 7.40 -14.86 9.28
CA PRO A 94 7.13 -16.21 8.75
C PRO A 94 8.42 -16.99 8.42
N ILE A 95 9.46 -16.32 7.95
CA ILE A 95 10.68 -17.03 7.62
C ILE A 95 11.39 -17.52 8.88
N GLY A 96 11.53 -16.63 9.85
CA GLY A 96 12.14 -17.00 11.13
C GLY A 96 11.33 -18.01 11.91
N ALA A 97 10.02 -18.05 11.68
CA ALA A 97 9.17 -19.05 12.31
C ALA A 97 9.26 -20.40 11.62
N ASN A 98 10.06 -20.49 10.55
CA ASN A 98 10.21 -21.71 9.74
C ASN A 98 8.89 -22.13 9.10
N LEU A 99 8.04 -21.15 8.76
CA LEU A 99 6.74 -21.40 8.16
C LEU A 99 6.74 -21.32 6.64
N VAL A 100 7.59 -20.45 6.10
CA VAL A 100 7.74 -20.28 4.65
C VAL A 100 9.21 -20.20 4.33
N LYS A 101 9.58 -20.58 3.11
CA LYS A 101 10.98 -20.45 2.68
C LYS A 101 11.37 -18.99 2.41
N ASP A 102 10.49 -18.27 1.71
CA ASP A 102 10.64 -16.84 1.50
C ASP A 102 9.23 -16.25 1.29
N LEU A 103 9.15 -14.94 1.19
CA LEU A 103 7.85 -14.29 1.13
C LEU A 103 7.18 -14.46 -0.21
N LYS A 104 7.96 -14.66 -1.25
CA LYS A 104 7.41 -14.72 -2.60
C LYS A 104 6.90 -16.08 -2.97
N LYS A 105 7.68 -17.11 -2.67
CA LYS A 105 7.32 -18.51 -2.95
C LYS A 105 7.48 -19.28 -1.64
N PRO A 106 6.43 -19.30 -0.82
CA PRO A 106 6.50 -19.99 0.47
C PRO A 106 7.01 -21.41 0.34
N GLY A 107 6.62 -22.10 -0.73
CA GLY A 107 7.25 -23.37 -1.09
C GLY A 107 6.65 -24.63 -0.50
N GLY A 108 5.68 -24.47 0.40
CA GLY A 108 4.99 -25.63 0.99
C GLY A 108 3.51 -25.36 1.10
N ASN A 109 2.89 -25.85 2.16
CA ASN A 109 1.45 -25.73 2.34
C ASN A 109 1.00 -24.50 3.15
N VAL A 110 1.92 -23.59 3.43
CA VAL A 110 1.65 -22.43 4.29
C VAL A 110 1.77 -21.11 3.53
N THR A 111 0.78 -20.25 3.65
CA THR A 111 0.89 -18.85 3.20
C THR A 111 0.07 -17.99 4.15
N GLY A 112 -0.03 -16.69 3.87
CA GLY A 112 -0.94 -15.85 4.67
C GLY A 112 -0.45 -14.43 4.88
N VAL A 113 -0.81 -13.88 6.04
CA VAL A 113 -0.64 -12.46 6.35
C VAL A 113 0.34 -12.27 7.49
N SER A 114 1.25 -11.32 7.30
CA SER A 114 2.32 -11.06 8.26
C SER A 114 2.32 -9.61 8.72
N ASP A 115 2.37 -9.39 10.04
CA ASP A 115 2.46 -8.06 10.64
C ASP A 115 3.88 -7.77 11.13
N HIS A 116 4.66 -7.11 10.28
CA HIS A 116 6.03 -6.73 10.61
C HIS A 116 6.03 -5.55 11.58
N ASN A 117 6.79 -5.65 12.66
CA ASN A 117 6.84 -4.56 13.64
C ASN A 117 7.64 -3.36 13.16
N PRO A 118 7.05 -2.15 13.21
CA PRO A 118 7.76 -0.97 12.69
C PRO A 118 8.73 -0.41 13.73
N ALA A 119 9.84 -1.13 13.88
CA ALA A 119 10.82 -0.79 14.90
C ALA A 119 11.43 0.60 14.72
N GLN A 120 11.83 0.93 13.49
CA GLN A 120 12.43 2.25 13.26
C GLN A 120 11.50 3.37 13.71
N GLN A 121 10.24 3.27 13.33
CA GLN A 121 9.26 4.27 13.71
CA GLN A 121 9.22 4.23 13.69
C GLN A 121 9.01 4.32 15.20
N GLN A 122 9.05 3.17 15.87
CA GLN A 122 8.91 3.15 17.32
C GLN A 122 10.08 3.84 17.99
N VAL A 123 11.29 3.55 17.52
CA VAL A 123 12.47 4.25 18.07
C VAL A 123 12.34 5.76 17.86
N GLU A 124 11.94 6.18 16.67
CA GLU A 124 11.77 7.61 16.39
C GLU A 124 10.73 8.23 17.35
N LEU A 125 9.65 7.51 17.62
CA LEU A 125 8.61 8.01 18.53
C LEU A 125 9.12 8.15 19.95
N ILE A 126 9.89 7.15 20.41
CA ILE A 126 10.47 7.22 21.74
C ILE A 126 11.39 8.44 21.89
N LYS A 127 12.23 8.67 20.88
CA LYS A 127 13.15 9.81 20.86
C LYS A 127 12.39 11.14 20.86
N ALA A 128 11.25 11.20 20.17
CA ALA A 128 10.49 12.43 20.06
C ALA A 128 9.62 12.71 21.29
N LEU A 129 8.99 11.66 21.80
CA LEU A 129 8.00 11.82 22.85
C LEU A 129 8.59 11.84 24.25
N THR A 130 9.63 11.03 24.47
CA THR A 130 10.31 10.97 25.76
C THR A 130 11.81 11.15 25.53
N PRO A 131 12.24 12.40 25.26
CA PRO A 131 13.65 12.60 24.95
C PRO A 131 14.60 12.34 26.13
N ASN A 132 14.08 12.21 27.34
CA ASN A 132 14.91 11.90 28.52
C ASN A 132 15.22 10.41 28.72
N VAL A 133 14.55 9.56 27.95
CA VAL A 133 14.76 8.11 28.03
C VAL A 133 16.10 7.72 27.42
N LYS A 134 16.93 7.06 28.21
CA LYS A 134 18.27 6.62 27.78
C LYS A 134 18.38 5.10 27.60
N THR A 135 17.77 4.38 28.53
CA THR A 135 17.80 2.92 28.55
CA THR A 135 17.80 2.92 28.55
C THR A 135 16.38 2.37 28.45
N ILE A 136 16.21 1.41 27.55
CA ILE A 136 14.93 0.75 27.35
C ILE A 136 15.01 -0.69 27.80
N GLY A 137 14.00 -1.15 28.53
CA GLY A 137 13.89 -2.58 28.85
C GLY A 137 12.91 -3.23 27.89
N ALA A 138 13.36 -4.25 27.17
CA ALA A 138 12.52 -5.01 26.26
C ALA A 138 11.92 -6.17 27.03
N LEU A 139 10.61 -6.15 27.26
CA LEU A 139 9.87 -7.22 27.95
C LEU A 139 9.16 -8.08 26.91
N TYR A 140 9.44 -9.38 26.90
CA TYR A 140 8.92 -10.27 25.87
C TYR A 140 9.09 -11.70 26.31
N SER A 141 8.49 -12.61 25.55
CA SER A 141 8.59 -14.02 25.91
C SER A 141 9.71 -14.74 25.16
N SER A 142 10.47 -15.56 25.88
CA SER A 142 11.41 -16.49 25.25
C SER A 142 10.67 -17.64 24.52
N SER A 143 9.34 -17.75 24.70
CA SER A 143 8.56 -18.80 24.02
C SER A 143 8.16 -18.42 22.58
N GLU A 144 8.37 -17.17 22.17
CA GLU A 144 7.77 -16.69 20.93
C GLU A 144 8.79 -16.34 19.86
N ASP A 145 8.80 -17.13 18.78
CA ASP A 145 9.73 -16.88 17.69
C ASP A 145 9.53 -15.48 17.12
N ASN A 146 8.27 -15.02 17.03
CA ASN A 146 8.00 -13.65 16.58
C ASN A 146 8.75 -12.59 17.35
N SER A 147 8.87 -12.77 18.66
CA SER A 147 9.49 -11.73 19.47
C SER A 147 11.01 -11.73 19.37
N LYS A 148 11.61 -12.91 19.18
CA LYS A 148 13.07 -13.00 19.04
C LYS A 148 13.56 -12.06 17.92
N THR A 149 12.92 -12.13 16.77
CA THR A 149 13.24 -11.33 15.60
C THR A 149 13.03 -9.84 15.90
N GLN A 150 11.92 -9.52 16.53
CA GLN A 150 11.58 -8.10 16.78
C GLN A 150 12.54 -7.44 17.73
N VAL A 151 12.95 -8.18 18.76
CA VAL A 151 13.92 -7.67 19.71
C VAL A 151 15.26 -7.36 19.04
N GLU A 152 15.74 -8.25 18.18
CA GLU A 152 16.97 -8.03 17.42
C GLU A 152 16.87 -6.75 16.59
N GLU A 153 15.79 -6.59 15.83
CA GLU A 153 15.64 -5.44 14.93
C GLU A 153 15.52 -4.14 15.71
N PHE A 154 14.73 -4.18 16.77
CA PHE A 154 14.55 -3.00 17.61
C PHE A 154 15.85 -2.56 18.26
N LYS A 155 16.60 -3.51 18.78
CA LYS A 155 17.87 -3.20 19.43
C LYS A 155 18.82 -2.53 18.45
N ALA A 156 18.86 -3.02 17.21
CA ALA A 156 19.76 -2.45 16.21
C ALA A 156 19.41 -0.98 15.92
N TYR A 157 18.11 -0.70 15.73
CA TYR A 157 17.67 0.68 15.50
C TYR A 157 17.86 1.58 16.70
N ALA A 158 17.56 1.07 17.88
CA ALA A 158 17.69 1.86 19.10
C ALA A 158 19.13 2.30 19.32
N GLU A 159 20.06 1.37 19.12
CA GLU A 159 21.48 1.65 19.32
C GLU A 159 21.95 2.77 18.37
N LYS A 160 21.51 2.71 17.11
CA LYS A 160 21.83 3.75 16.12
C LYS A 160 21.33 5.14 16.49
N ALA A 161 20.20 5.18 17.21
CA ALA A 161 19.59 6.42 17.68
C ALA A 161 20.11 6.84 19.05
N GLY A 162 21.09 6.11 19.57
CA GLY A 162 21.76 6.47 20.80
C GLY A 162 21.10 6.01 22.08
N LEU A 163 20.24 4.99 21.96
CA LEU A 163 19.59 4.38 23.10
C LEU A 163 20.23 3.04 23.43
N THR A 164 20.02 2.57 24.66
CA THR A 164 20.48 1.24 25.05
C THR A 164 19.26 0.36 25.35
N VAL A 165 19.34 -0.90 24.95
CA VAL A 165 18.25 -1.85 25.19
C VAL A 165 18.82 -3.00 26.02
N GLU A 166 18.18 -3.23 27.16
CA GLU A 166 18.44 -4.38 28.01
C GLU A 166 17.25 -5.32 27.87
N THR A 167 17.52 -6.60 27.72
CA THR A 167 16.45 -7.59 27.51
C THR A 167 15.98 -8.26 28.80
N PHE A 168 14.67 -8.43 28.92
CA PHE A 168 14.03 -9.06 30.06
C PHE A 168 13.01 -10.05 29.51
N ALA A 169 13.53 -11.22 29.12
CA ALA A 169 12.69 -12.27 28.59
C ALA A 169 12.05 -13.05 29.74
N VAL A 170 10.78 -13.41 29.55
CA VAL A 170 10.07 -14.31 30.44
C VAL A 170 9.64 -15.56 29.69
N PRO A 171 9.61 -16.73 30.37
CA PRO A 171 9.13 -17.93 29.67
C PRO A 171 7.61 -18.07 29.61
N SER A 172 6.91 -17.31 30.45
CA SER A 172 5.45 -17.39 30.57
C SER A 172 4.92 -16.13 31.24
N THR A 173 3.61 -16.06 31.39
CA THR A 173 2.97 -14.90 32.01
CA THR A 173 2.95 -14.92 31.99
C THR A 173 3.24 -14.85 33.51
N ASN A 174 3.61 -15.99 34.09
CA ASN A 174 3.84 -16.07 35.54
C ASN A 174 4.96 -15.16 36.05
N GLU A 175 5.96 -14.91 35.21
CA GLU A 175 7.14 -14.16 35.62
C GLU A 175 7.02 -12.66 35.31
N ILE A 176 5.88 -12.22 34.79
CA ILE A 176 5.74 -10.82 34.38
C ILE A 176 5.87 -9.84 35.54
N ALA A 177 5.09 -10.03 36.61
CA ALA A 177 5.05 -9.05 37.69
C ALA A 177 6.43 -8.83 38.31
N SER A 178 7.12 -9.93 38.64
CA SER A 178 8.43 -9.83 39.28
C SER A 178 9.48 -9.24 38.32
N THR A 179 9.35 -9.56 37.04
CA THR A 179 10.29 -9.04 36.04
C THR A 179 10.09 -7.54 35.88
N VAL A 180 8.83 -7.10 35.85
CA VAL A 180 8.58 -5.67 35.75
C VAL A 180 9.21 -4.93 36.94
N THR A 181 9.06 -5.51 38.14
CA THR A 181 9.61 -4.87 39.32
C THR A 181 11.13 -4.71 39.22
N VAL A 182 11.81 -5.77 38.78
CA VAL A 182 13.26 -5.73 38.59
C VAL A 182 13.67 -4.71 37.51
N MSE A 183 13.04 -4.81 36.35
CA MSE A 183 13.46 -4.00 35.23
CA MSE A 183 13.40 -4.01 35.18
C MSE A 183 13.25 -2.51 35.47
O MSE A 183 14.03 -1.71 34.99
CB MSE A 183 12.80 -4.45 33.92
CB MSE A 183 12.57 -4.48 33.97
CG MSE A 183 11.35 -4.05 33.77
CG MSE A 183 12.56 -3.58 32.70
SE MSE A 183 10.48 -4.98 32.35
SE MSE A 183 11.43 -4.29 31.26
CE MSE A 183 11.38 -4.19 30.83
CE MSE A 183 10.06 -4.93 32.47
N THR A 184 12.22 -2.14 36.21
CA THR A 184 11.91 -0.71 36.35
C THR A 184 12.89 0.07 37.22
N SER A 185 13.73 -0.64 37.97
CA SER A 185 14.82 0.00 38.71
CA SER A 185 14.81 0.02 38.70
C SER A 185 16.07 0.13 37.83
N LYS A 186 16.04 -0.50 36.66
CA LYS A 186 17.19 -0.56 35.76
C LYS A 186 17.05 0.24 34.46
N VAL A 187 15.82 0.56 34.08
CA VAL A 187 15.55 1.18 32.78
C VAL A 187 14.65 2.39 32.90
N ASP A 188 14.67 3.21 31.85
CA ASP A 188 13.87 4.43 31.82
C ASP A 188 12.51 4.23 31.18
N ALA A 189 12.38 3.19 30.38
CA ALA A 189 11.14 2.92 29.66
C ALA A 189 11.06 1.45 29.37
N ILE A 190 9.83 0.95 29.26
CA ILE A 190 9.56 -0.45 28.92
C ILE A 190 9.05 -0.48 27.50
N TRP A 191 9.63 -1.35 26.67
CA TRP A 191 9.14 -1.62 25.32
C TRP A 191 8.71 -3.07 25.20
N VAL A 192 7.56 -3.28 24.56
CA VAL A 192 7.02 -4.63 24.37
C VAL A 192 6.81 -4.84 22.88
N PRO A 193 7.39 -5.90 22.29
CA PRO A 193 7.14 -6.20 20.88
C PRO A 193 5.73 -6.73 20.67
N ILE A 194 5.43 -7.13 19.43
CA ILE A 194 4.17 -7.79 19.11
C ILE A 194 4.27 -9.22 19.68
N ASP A 195 3.90 -9.37 20.95
CA ASP A 195 4.22 -10.54 21.75
C ASP A 195 2.93 -11.03 22.40
N ASN A 196 2.55 -12.27 22.12
CA ASN A 196 1.26 -12.78 22.62
C ASN A 196 1.24 -12.99 24.13
N THR A 197 2.37 -13.41 24.68
CA THR A 197 2.47 -13.66 26.14
C THR A 197 2.24 -12.36 26.90
N ILE A 198 2.98 -11.31 26.54
CA ILE A 198 2.85 -10.06 27.26
C ILE A 198 1.49 -9.45 26.93
N ALA A 199 1.02 -9.59 25.69
CA ALA A 199 -0.31 -9.01 25.39
C ALA A 199 -1.41 -9.65 26.23
N SER A 200 -1.30 -10.95 26.46
CA SER A 200 -2.28 -11.67 27.25
C SER A 200 -2.21 -11.31 28.74
N GLY A 201 -1.05 -10.82 29.19
CA GLY A 201 -0.89 -10.41 30.59
C GLY A 201 -0.63 -8.94 30.75
N PHE A 202 -1.05 -8.12 29.79
CA PHE A 202 -0.63 -6.72 29.81
C PHE A 202 -1.13 -5.90 31.02
N PRO A 203 -2.36 -6.14 31.49
CA PRO A 203 -2.76 -5.40 32.71
C PRO A 203 -1.83 -5.63 33.89
N THR A 204 -1.13 -6.77 33.93
CA THR A 204 -0.15 -7.05 34.99
C THR A 204 1.08 -6.15 34.86
N VAL A 205 1.48 -5.87 33.61
CA VAL A 205 2.57 -4.92 33.39
C VAL A 205 2.16 -3.56 33.92
N VAL A 206 0.95 -3.12 33.59
CA VAL A 206 0.48 -1.78 33.96
C VAL A 206 0.37 -1.65 35.49
N SER A 207 -0.18 -2.68 36.13
CA SER A 207 -0.36 -2.62 37.58
CA SER A 207 -0.36 -2.67 37.59
C SER A 207 0.98 -2.68 38.30
N SER A 208 1.89 -3.54 37.83
CA SER A 208 3.22 -3.64 38.42
C SER A 208 4.03 -2.35 38.26
N ASN A 209 3.81 -1.64 37.16
CA ASN A 209 4.50 -0.37 36.88
C ASN A 209 3.84 0.87 37.51
N GLN A 210 2.73 0.72 38.22
CA GLN A 210 2.07 1.89 38.83
C GLN A 210 2.97 2.61 39.81
N SER A 211 3.84 1.87 40.48
CA SER A 211 4.71 2.48 41.48
C SER A 211 5.94 3.11 40.85
N SER A 212 6.34 2.60 39.70
CA SER A 212 7.60 3.03 39.10
CA SER A 212 7.60 3.01 39.09
C SER A 212 7.41 4.20 38.17
N LYS A 213 6.26 4.22 37.50
CA LYS A 213 5.85 5.31 36.62
C LYS A 213 6.78 5.54 35.43
N LYS A 214 7.29 4.45 34.90
CA LYS A 214 8.10 4.49 33.67
CA LYS A 214 8.09 4.51 33.69
C LYS A 214 7.13 4.46 32.51
N PRO A 215 7.44 5.20 31.43
CA PRO A 215 6.57 5.05 30.26
C PRO A 215 6.70 3.67 29.64
N ILE A 216 5.57 3.15 29.15
CA ILE A 216 5.52 1.87 28.45
C ILE A 216 5.18 2.13 26.99
N TYR A 217 5.97 1.54 26.10
CA TYR A 217 5.73 1.60 24.65
C TYR A 217 5.41 0.18 24.15
N PRO A 218 4.14 -0.24 24.24
CA PRO A 218 3.78 -1.62 23.92
C PRO A 218 3.17 -1.69 22.52
N SER A 219 3.58 -2.69 21.74
CA SER A 219 3.26 -2.75 20.30
C SER A 219 1.87 -3.25 19.96
N ALA A 220 0.85 -2.65 20.58
CA ALA A 220 -0.55 -2.87 20.18
C ALA A 220 -1.44 -1.78 20.71
N THR A 221 -2.41 -1.37 19.91
CA THR A 221 -3.44 -0.45 20.34
C THR A 221 -4.11 -0.93 21.60
N ALA A 222 -4.39 -2.23 21.67
CA ALA A 222 -5.07 -2.80 22.81
C ALA A 222 -4.27 -2.67 24.11
N MSE A 223 -2.94 -2.66 24.00
CA MSE A 223 -2.09 -2.42 25.16
C MSE A 223 -1.99 -0.94 25.50
O MSE A 223 -2.11 -0.56 26.66
CB MSE A 223 -0.70 -3.03 24.95
CG MSE A 223 -0.71 -4.58 24.93
SE MSE A 223 1.05 -5.40 24.97
CE MSE A 223 1.43 -5.60 23.08
N VAL A 224 -1.81 -0.09 24.50
CA VAL A 224 -1.78 1.34 24.74
C VAL A 224 -3.07 1.79 25.39
N GLU A 225 -4.20 1.22 24.97
CA GLU A 225 -5.47 1.73 25.49
C GLU A 225 -5.74 1.43 26.96
N VAL A 226 -5.02 0.45 27.53
CA VAL A 226 -5.21 0.12 28.96
C VAL A 226 -4.04 0.55 29.85
N GLY A 227 -3.19 1.45 29.36
CA GLY A 227 -2.19 2.06 30.25
C GLY A 227 -0.82 2.26 29.63
N GLY A 228 -0.62 1.82 28.40
CA GLY A 228 0.63 2.16 27.72
C GLY A 228 0.63 3.62 27.29
N LEU A 229 1.82 4.17 27.06
CA LEU A 229 1.95 5.55 26.63
C LEU A 229 1.65 5.72 25.14
N ALA A 230 2.33 4.93 24.31
CA ALA A 230 2.25 5.13 22.87
C ALA A 230 2.93 3.97 22.18
N SER A 231 2.64 3.83 20.89
CA SER A 231 3.35 2.91 20.03
C SER A 231 3.15 3.29 18.56
N VAL A 232 3.66 2.44 17.68
CA VAL A 232 3.39 2.52 16.23
C VAL A 232 2.93 1.13 15.84
N VAL A 233 1.73 1.05 15.27
CA VAL A 233 1.04 -0.24 15.17
C VAL A 233 0.34 -0.42 13.84
N ILE A 234 0.13 -1.69 13.51
CA ILE A 234 -0.62 -2.05 12.32
CA ILE A 234 -0.58 -2.16 12.32
C ILE A 234 -2.08 -2.24 12.68
N ASP A 235 -2.97 -1.95 11.74
CA ASP A 235 -4.41 -2.06 11.98
C ASP A 235 -4.83 -3.54 12.04
N GLN A 236 -5.36 -3.94 13.19
CA GLN A 236 -5.67 -5.35 13.42
C GLN A 236 -6.83 -5.83 12.59
N HIS A 237 -7.86 -5.00 12.48
CA HIS A 237 -8.98 -5.39 11.62
C HIS A 237 -8.55 -5.58 10.16
N ASP A 238 -7.70 -4.69 9.66
CA ASP A 238 -7.13 -4.85 8.29
C ASP A 238 -6.39 -6.17 8.11
N LEU A 239 -5.62 -6.57 9.12
CA LEU A 239 -4.93 -7.87 9.07
C LEU A 239 -5.92 -9.00 8.93
N GLY A 240 -7.00 -8.93 9.69
CA GLY A 240 -7.99 -10.01 9.63
C GLY A 240 -8.72 -10.04 8.30
N VAL A 241 -9.14 -8.89 7.80
CA VAL A 241 -9.83 -8.87 6.49
C VAL A 241 -8.93 -9.43 5.40
N ALA A 242 -7.66 -9.04 5.41
CA ALA A 242 -6.73 -9.52 4.40
C ALA A 242 -6.54 -11.03 4.50
N THR A 243 -6.54 -11.55 5.74
CA THR A 243 -6.46 -12.98 5.93
C THR A 243 -7.72 -13.65 5.36
N GLY A 244 -8.89 -13.06 5.65
CA GLY A 244 -10.14 -13.60 5.08
C GLY A 244 -10.09 -13.72 3.57
N LYS A 245 -9.61 -12.66 2.93
CA LYS A 245 -9.50 -12.70 1.48
C LYS A 245 -8.54 -13.74 0.97
N MSE A 246 -7.42 -13.98 1.66
CA MSE A 246 -6.49 -15.05 1.25
C MSE A 246 -7.10 -16.43 1.49
O MSE A 246 -6.87 -17.32 0.67
CB MSE A 246 -5.15 -14.92 1.96
CG MSE A 246 -4.43 -13.64 1.56
SE MSE A 246 -2.63 -13.56 2.23
CE MSE A 246 -1.81 -14.81 0.98
N ILE A 247 -7.89 -16.60 2.55
CA ILE A 247 -8.58 -17.88 2.75
C ILE A 247 -9.45 -18.15 1.52
N VAL A 248 -10.19 -17.15 1.06
CA VAL A 248 -11.06 -17.34 -0.10
C VAL A 248 -10.24 -17.68 -1.33
N GLN A 249 -9.11 -16.98 -1.53
CA GLN A 249 -8.26 -17.29 -2.68
C GLN A 249 -7.87 -18.77 -2.69
N VAL A 250 -7.53 -19.30 -1.52
CA VAL A 250 -7.09 -20.69 -1.40
C VAL A 250 -8.27 -21.64 -1.56
N LEU A 251 -9.44 -21.31 -1.00
CA LEU A 251 -10.63 -22.14 -1.23
C LEU A 251 -10.90 -22.27 -2.72
N LYS A 252 -10.69 -21.15 -3.43
CA LYS A 252 -10.93 -21.07 -4.89
C LYS A 252 -9.80 -21.65 -5.71
N GLY A 253 -8.78 -22.20 -5.05
CA GLY A 253 -7.75 -22.97 -5.76
C GLY A 253 -6.33 -22.47 -5.74
N ALA A 254 -6.08 -21.29 -5.15
CA ALA A 254 -4.68 -20.81 -5.08
C ALA A 254 -3.83 -21.84 -4.33
N LYS A 255 -2.61 -22.05 -4.80
CA LYS A 255 -1.67 -22.97 -4.16
C LYS A 255 -0.83 -22.22 -3.14
N PRO A 256 -0.88 -22.60 -1.85
CA PRO A 256 -0.07 -21.87 -0.88
C PRO A 256 1.41 -21.74 -1.26
N ALA A 257 1.98 -22.77 -1.87
CA ALA A 257 3.41 -22.77 -2.17
C ALA A 257 3.83 -21.62 -3.08
N ASP A 258 2.90 -21.16 -3.91
CA ASP A 258 3.14 -20.12 -4.89
C ASP A 258 2.36 -18.85 -4.60
N THR A 259 1.78 -18.74 -3.40
CA THR A 259 1.00 -17.56 -3.04
C THR A 259 1.82 -16.63 -2.15
N PRO A 260 2.20 -15.45 -2.66
CA PRO A 260 3.03 -14.57 -1.84
C PRO A 260 2.41 -14.23 -0.49
N VAL A 261 3.26 -14.12 0.51
CA VAL A 261 2.84 -13.63 1.81
C VAL A 261 2.46 -12.14 1.67
N ASN A 262 1.37 -11.76 2.34
CA ASN A 262 0.95 -10.36 2.41
C ASN A 262 1.53 -9.76 3.68
N VAL A 263 2.52 -8.89 3.50
CA VAL A 263 3.22 -8.25 4.64
C VAL A 263 2.70 -6.82 4.84
N PHE A 264 2.30 -6.53 6.08
CA PHE A 264 2.00 -5.16 6.51
C PHE A 264 3.18 -4.67 7.33
N SER A 265 3.67 -3.48 7.06
CA SER A 265 4.86 -3.03 7.78
C SER A 265 4.88 -1.58 8.19
N THR A 266 3.88 -0.79 7.87
CA THR A 266 4.23 0.58 8.29
C THR A 266 3.53 1.16 9.50
N GLY A 267 2.24 0.92 9.54
CA GLY A 267 1.43 1.33 10.64
C GLY A 267 1.38 2.83 10.83
N LYS A 268 0.84 3.20 11.99
CA LYS A 268 0.60 4.57 12.37
C LYS A 268 0.72 4.65 13.87
N SER A 269 1.04 5.82 14.39
CA SER A 269 1.20 5.94 15.83
C SER A 269 -0.16 5.84 16.54
N VAL A 270 -0.08 5.46 17.80
CA VAL A 270 -1.21 5.53 18.73
C VAL A 270 -0.69 6.13 20.03
N ILE A 271 -1.38 7.14 20.52
CA ILE A 271 -0.92 7.92 21.66
C ILE A 271 -2.01 7.97 22.72
N ASN A 272 -1.64 7.64 23.96
CA ASN A 272 -2.57 7.74 25.07
C ASN A 272 -2.32 9.05 25.76
N LYS A 273 -3.18 10.02 25.44
CA LYS A 273 -3.00 11.39 25.84
C LYS A 273 -3.01 11.56 27.34
N LYS A 274 -3.98 10.93 28.01
CA LYS A 274 -4.08 11.06 29.47
C LYS A 274 -2.90 10.40 30.16
N ILE A 275 -2.43 9.25 29.66
CA ILE A 275 -1.25 8.62 30.25
C ILE A 275 -0.03 9.53 30.09
N ALA A 276 0.13 10.13 28.91
CA ALA A 276 1.23 11.09 28.72
C ALA A 276 1.18 12.22 29.72
N GLN A 277 0.01 12.85 29.79
CA GLN A 277 -0.16 14.02 30.64
C GLN A 277 0.07 13.66 32.08
N GLU A 278 -0.44 12.50 32.52
CA GLU A 278 -0.26 12.05 33.90
C GLU A 278 1.21 11.81 34.23
N LEU A 279 2.01 11.44 33.23
CA LEU A 279 3.44 11.22 33.42
C LEU A 279 4.23 12.54 33.33
N GLY A 280 3.52 13.64 33.08
CA GLY A 280 4.16 14.94 32.93
C GLY A 280 4.87 15.12 31.60
N ILE A 281 4.49 14.32 30.61
CA ILE A 281 5.07 14.36 29.27
C ILE A 281 4.35 15.44 28.44
N THR A 282 5.13 16.17 27.66
CA THR A 282 4.56 17.04 26.65
C THR A 282 4.46 16.25 25.38
N ILE A 283 3.29 16.26 24.75
CA ILE A 283 3.19 15.68 23.43
C ILE A 283 3.52 16.77 22.42
N PRO A 284 4.60 16.59 21.63
CA PRO A 284 4.91 17.61 20.64
C PRO A 284 3.76 17.80 19.67
N GLU A 285 3.54 19.04 19.24
CA GLU A 285 2.46 19.38 18.31
C GLU A 285 2.46 18.48 17.06
N SER A 286 3.64 18.27 16.47
CA SER A 286 3.75 17.42 15.27
C SER A 286 3.40 15.95 15.55
N VAL A 287 3.77 15.46 16.73
CA VAL A 287 3.43 14.09 17.15
C VAL A 287 1.90 13.95 17.28
N LEU A 288 1.26 14.88 17.97
CA LEU A 288 -0.18 14.82 18.11
C LEU A 288 -0.89 14.92 16.74
N LYS A 289 -0.40 15.80 15.87
CA LYS A 289 -1.00 16.01 14.54
C LYS A 289 -0.92 14.76 13.63
N GLU A 290 0.21 14.05 13.70
CA GLU A 290 0.44 12.87 12.86
C GLU A 290 -0.14 11.58 13.43
N ALA A 291 -0.73 11.65 14.61
CA ALA A 291 -1.20 10.45 15.29
C ALA A 291 -2.28 9.71 14.53
N GLY A 292 -2.11 8.41 14.37
CA GLY A 292 -3.15 7.57 13.77
C GLY A 292 -4.35 7.47 14.69
N GLN A 293 -4.08 7.33 15.98
CA GLN A 293 -5.15 7.28 16.97
C GLN A 293 -4.69 7.95 18.24
N VAL A 294 -5.59 8.71 18.84
CA VAL A 294 -5.39 9.32 20.15
C VAL A 294 -6.42 8.71 21.10
N ILE A 295 -5.94 8.15 22.19
CA ILE A 295 -6.82 7.59 23.22
C ILE A 295 -6.95 8.56 24.39
N LYS B 4 -13.29 22.54 -38.75
CA LYS B 4 -11.95 23.01 -38.29
C LYS B 4 -11.77 22.74 -36.80
N ILE B 5 -10.71 21.99 -36.46
CA ILE B 5 -10.36 21.72 -35.07
C ILE B 5 -8.90 22.08 -34.79
N GLY B 6 -8.66 22.65 -33.61
CA GLY B 6 -7.30 22.87 -33.12
C GLY B 6 -6.95 21.78 -32.12
N VAL B 7 -5.72 21.27 -32.20
CA VAL B 7 -5.23 20.24 -31.27
C VAL B 7 -3.93 20.68 -30.62
N LEU B 8 -3.93 20.76 -29.29
CA LEU B 8 -2.72 21.00 -28.54
C LEU B 8 -2.32 19.73 -27.82
N GLN B 9 -1.21 19.14 -28.23
CA GLN B 9 -0.64 17.99 -27.55
C GLN B 9 0.39 18.53 -26.56
N PHE B 10 0.30 18.14 -25.30
CA PHE B 10 1.16 18.76 -24.30
C PHE B 10 2.65 18.55 -24.56
N VAL B 11 3.00 17.32 -24.94
CA VAL B 11 4.40 16.91 -25.07
C VAL B 11 4.43 15.64 -25.92
N SER B 12 5.59 15.36 -26.51
CA SER B 12 5.81 14.06 -27.13
C SER B 12 6.17 12.99 -26.11
N HIS B 13 5.22 12.10 -25.84
CA HIS B 13 5.57 10.80 -25.31
C HIS B 13 4.69 9.78 -25.98
N PRO B 14 5.15 8.51 -26.04
CA PRO B 14 4.47 7.58 -26.96
C PRO B 14 2.98 7.44 -26.68
N SER B 15 2.57 7.49 -25.41
CA SER B 15 1.14 7.34 -25.06
C SER B 15 0.30 8.47 -25.66
N LEU B 16 0.78 9.70 -25.57
CA LEU B 16 0.02 10.81 -26.15
C LEU B 16 -0.02 10.70 -27.67
N ASP B 17 1.07 10.25 -28.27
CA ASP B 17 1.13 10.04 -29.72
C ASP B 17 0.06 9.05 -30.15
N LEU B 18 -0.09 7.98 -29.37
CA LEU B 18 -1.09 6.96 -29.66
C LEU B 18 -2.51 7.49 -29.46
N ILE B 19 -2.71 8.30 -28.41
CA ILE B 19 -4.00 8.96 -28.19
C ILE B 19 -4.36 9.86 -29.37
N TYR B 20 -3.40 10.62 -29.87
CA TYR B 20 -3.65 11.45 -31.06
C TYR B 20 -4.00 10.61 -32.30
N LYS B 21 -3.28 9.51 -32.50
CA LYS B 21 -3.57 8.59 -33.61
C LYS B 21 -5.01 8.11 -33.46
N GLY B 22 -5.40 7.76 -32.24
CA GLY B 22 -6.75 7.31 -31.92
C GLY B 22 -7.78 8.37 -32.25
N ILE B 23 -7.46 9.63 -31.98
CA ILE B 23 -8.30 10.74 -32.39
C ILE B 23 -8.48 10.76 -33.92
N GLN B 24 -7.36 10.68 -34.64
CA GLN B 24 -7.33 10.71 -36.12
C GLN B 24 -7.99 9.50 -36.77
N ASP B 25 -7.74 8.32 -36.19
CA ASP B 25 -8.39 7.09 -36.65
C ASP B 25 -9.89 7.18 -36.40
N GLY B 26 -10.25 7.66 -35.21
CA GLY B 26 -11.65 7.91 -34.83
C GLY B 26 -12.35 8.85 -35.79
N LEU B 27 -11.70 9.97 -36.10
CA LEU B 27 -12.24 10.96 -37.02
C LEU B 27 -12.37 10.39 -38.44
N ALA B 28 -11.34 9.68 -38.89
CA ALA B 28 -11.34 9.03 -40.20
C ALA B 28 -12.50 8.03 -40.35
N GLU B 29 -12.81 7.33 -39.25
CA GLU B 29 -13.89 6.34 -39.22
C GLU B 29 -15.26 6.97 -39.53
N GLU B 30 -15.42 8.23 -39.13
CA GLU B 30 -16.67 8.96 -39.33
C GLU B 30 -16.66 9.77 -40.63
N GLY B 31 -15.64 9.57 -41.45
CA GLY B 31 -15.51 10.26 -42.73
C GLY B 31 -14.93 11.66 -42.64
N TYR B 32 -14.10 11.89 -41.63
CA TYR B 32 -13.44 13.18 -41.47
C TYR B 32 -11.96 13.06 -41.77
N VAL B 37 -12.33 17.93 -42.79
CA VAL B 37 -11.81 18.53 -41.57
C VAL B 37 -10.31 18.83 -41.65
N LYS B 38 -9.94 20.05 -41.23
CA LYS B 38 -8.55 20.46 -41.17
C LYS B 38 -8.12 20.47 -39.71
N ILE B 39 -7.02 19.80 -39.41
CA ILE B 39 -6.48 19.79 -38.05
C ILE B 39 -5.34 20.78 -37.92
N ASP B 40 -5.53 21.76 -37.04
CA ASP B 40 -4.49 22.71 -36.70
C ASP B 40 -3.78 22.15 -35.46
N PHE B 41 -2.65 21.47 -35.69
CA PHE B 41 -1.97 20.71 -34.63
C PHE B 41 -0.75 21.46 -34.11
N MSE B 42 -0.64 21.52 -32.79
CA MSE B 42 0.53 22.09 -32.14
C MSE B 42 0.95 21.22 -30.96
O MSE B 42 0.13 20.54 -30.35
CB MSE B 42 0.23 23.51 -31.62
CG MSE B 42 -0.37 24.43 -32.66
SE MSE B 42 -0.23 26.29 -32.14
CE MSE B 42 1.55 26.73 -32.85
N ASN B 43 2.25 21.24 -30.68
CA ASN B 43 2.84 20.48 -29.59
C ASN B 43 3.69 21.43 -28.73
N SER B 44 3.33 21.55 -27.46
CA SER B 44 4.01 22.46 -26.52
C SER B 44 5.31 21.91 -25.90
N GLU B 45 5.69 20.68 -26.25
CA GLU B 45 6.99 20.11 -25.89
C GLU B 45 7.26 20.08 -24.37
N GLY B 46 6.19 19.94 -23.60
CA GLY B 46 6.29 19.81 -22.15
C GLY B 46 6.61 21.11 -21.43
N ASP B 47 6.51 22.22 -22.16
CA ASP B 47 6.98 23.53 -21.71
C ASP B 47 5.76 24.40 -21.48
N GLN B 48 5.46 24.67 -20.20
CA GLN B 48 4.29 25.48 -19.84
C GLN B 48 4.31 26.84 -20.52
N SER B 49 5.51 27.39 -20.75
CA SER B 49 5.59 28.70 -21.40
C SER B 49 5.07 28.64 -22.85
N LYS B 50 5.22 27.48 -23.49
CA LYS B 50 4.66 27.24 -24.82
C LYS B 50 3.16 26.90 -24.77
N VAL B 51 2.72 26.19 -23.73
CA VAL B 51 1.28 25.92 -23.53
C VAL B 51 0.52 27.24 -23.62
N ALA B 52 0.93 28.20 -22.80
CA ALA B 52 0.28 29.49 -22.74
C ALA B 52 0.21 30.16 -24.11
N THR B 53 1.35 30.20 -24.81
CA THR B 53 1.43 30.85 -26.12
C THR B 53 0.55 30.16 -27.17
N MSE B 54 0.64 28.83 -27.23
CA MSE B 54 -0.07 28.09 -28.28
C MSE B 54 -1.58 28.01 -28.06
O MSE B 54 -2.34 27.96 -29.01
CB MSE B 54 0.54 26.71 -28.41
CG MSE B 54 1.97 26.72 -28.94
SE MSE B 54 2.74 24.96 -28.89
CE MSE B 54 4.42 25.39 -29.78
N SER B 55 -2.02 28.01 -26.80
CA SER B 55 -3.46 28.02 -26.48
C SER B 55 -4.14 29.28 -27.00
N LYS B 56 -3.45 30.40 -26.84
CA LYS B 56 -3.92 31.68 -27.33
C LYS B 56 -4.14 31.64 -28.85
N GLN B 57 -3.15 31.11 -29.57
CA GLN B 57 -3.20 30.96 -31.03
C GLN B 57 -4.34 30.07 -31.52
N LEU B 58 -4.49 28.91 -30.89
CA LEU B 58 -5.46 27.90 -31.33
C LEU B 58 -6.92 28.34 -31.18
N VAL B 59 -7.20 29.15 -30.16
CA VAL B 59 -8.57 29.61 -29.92
C VAL B 59 -8.95 30.86 -30.71
N ALA B 60 -7.94 31.49 -31.35
CA ALA B 60 -8.13 32.78 -32.03
C ALA B 60 -8.58 32.67 -33.49
N ASN B 61 -8.06 31.68 -34.22
CA ASN B 61 -8.22 31.67 -35.67
C ASN B 61 -9.02 30.53 -36.31
N GLY B 62 -10.35 30.64 -36.24
CA GLY B 62 -11.25 29.85 -37.08
C GLY B 62 -11.55 28.41 -36.70
N ASN B 63 -11.09 27.96 -35.55
CA ASN B 63 -11.38 26.59 -35.12
C ASN B 63 -12.78 26.51 -34.50
N ASP B 64 -13.54 25.50 -34.91
CA ASP B 64 -14.88 25.23 -34.35
C ASP B 64 -14.82 24.72 -32.92
N LEU B 65 -13.72 24.03 -32.60
CA LEU B 65 -13.44 23.55 -31.25
C LEU B 65 -11.95 23.32 -31.10
N VAL B 66 -11.52 23.18 -29.85
CA VAL B 66 -10.13 22.83 -29.55
C VAL B 66 -10.08 21.60 -28.66
N VAL B 67 -8.97 20.87 -28.78
CA VAL B 67 -8.74 19.62 -28.06
CA VAL B 67 -8.78 19.66 -27.99
C VAL B 67 -7.42 19.73 -27.31
N GLY B 68 -7.44 19.42 -26.02
CA GLY B 68 -6.20 19.41 -25.24
C GLY B 68 -5.84 18.00 -24.86
N ILE B 69 -4.72 17.50 -25.40
CA ILE B 69 -4.21 16.18 -25.04
C ILE B 69 -3.28 16.33 -23.84
N ALA B 70 -3.73 15.77 -22.72
CA ALA B 70 -3.12 15.86 -21.39
C ALA B 70 -3.57 17.09 -20.61
N THR B 71 -3.56 16.97 -19.29
CA THR B 71 -4.07 18.01 -18.40
C THR B 71 -3.50 19.41 -18.63
N PRO B 72 -2.16 19.55 -18.77
CA PRO B 72 -1.69 20.93 -18.93
C PRO B 72 -2.16 21.58 -20.23
N ALA B 73 -2.35 20.79 -21.29
CA ALA B 73 -2.88 21.33 -22.55
C ALA B 73 -4.35 21.73 -22.42
N ALA B 74 -5.16 20.89 -21.78
CA ALA B 74 -6.55 21.23 -21.56
C ALA B 74 -6.69 22.46 -20.66
N GLN B 75 -5.83 22.59 -19.64
CA GLN B 75 -5.84 23.79 -18.80
C GLN B 75 -5.48 25.04 -19.58
N GLY B 76 -4.52 24.92 -20.49
CA GLY B 76 -4.15 26.04 -21.34
C GLY B 76 -5.31 26.51 -22.18
N LEU B 77 -5.97 25.57 -22.83
CA LEU B 77 -7.10 25.91 -23.68
C LEU B 77 -8.30 26.46 -22.90
N ALA B 78 -8.64 25.81 -21.79
CA ALA B 78 -9.76 26.29 -20.97
C ALA B 78 -9.51 27.66 -20.37
N SER B 79 -8.24 27.96 -20.11
CA SER B 79 -7.86 29.29 -19.63
C SER B 79 -7.95 30.34 -20.74
N ALA B 80 -7.77 29.91 -22.00
CA ALA B 80 -7.73 30.83 -23.13
C ALA B 80 -9.13 31.16 -23.70
N THR B 81 -10.12 30.30 -23.42
CA THR B 81 -11.50 30.54 -23.88
CA THR B 81 -11.50 30.54 -23.86
C THR B 81 -12.56 30.00 -22.91
N LYS B 82 -13.62 30.78 -22.74
CA LYS B 82 -14.77 30.39 -21.95
C LYS B 82 -15.95 30.11 -22.89
N ASP B 83 -15.72 30.34 -24.19
CA ASP B 83 -16.77 30.25 -25.21
C ASP B 83 -16.65 29.02 -26.13
N LEU B 84 -15.49 28.88 -26.79
CA LEU B 84 -15.24 27.78 -27.71
C LEU B 84 -15.25 26.46 -26.94
N PRO B 85 -15.89 25.41 -27.51
CA PRO B 85 -15.78 24.10 -26.88
C PRO B 85 -14.34 23.64 -26.73
N VAL B 86 -14.00 23.18 -25.52
CA VAL B 86 -12.70 22.63 -25.20
C VAL B 86 -12.92 21.16 -24.84
N ILE B 87 -12.29 20.27 -25.60
CA ILE B 87 -12.44 18.83 -25.38
C ILE B 87 -11.20 18.29 -24.70
N MSE B 88 -11.37 17.72 -23.51
CA MSE B 88 -10.28 17.05 -22.81
C MSE B 88 -10.00 15.68 -23.44
O MSE B 88 -10.89 14.85 -23.56
CB MSE B 88 -10.63 16.87 -21.33
CG MSE B 88 -10.89 18.16 -20.58
SE MSE B 88 -11.44 17.85 -18.72
CE MSE B 88 -12.96 16.67 -19.00
N ALA B 89 -8.74 15.48 -23.83
CA ALA B 89 -8.29 14.18 -24.33
C ALA B 89 -7.35 13.52 -23.34
N ALA B 90 -7.91 12.62 -22.53
CA ALA B 90 -7.23 11.90 -21.45
C ALA B 90 -6.73 12.82 -20.31
N ILE B 91 -7.67 13.42 -19.59
CA ILE B 91 -7.38 14.21 -18.40
C ILE B 91 -7.78 13.36 -17.20
N THR B 92 -6.79 12.97 -16.40
CA THR B 92 -7.04 12.02 -15.31
C THR B 92 -8.03 12.51 -14.24
N ASP B 93 -7.93 13.78 -13.87
CA ASP B 93 -8.77 14.33 -12.80
C ASP B 93 -9.25 15.73 -13.18
N PRO B 94 -10.35 15.80 -13.93
CA PRO B 94 -10.89 17.10 -14.34
C PRO B 94 -11.24 18.05 -13.18
N ILE B 95 -11.74 17.52 -12.06
CA ILE B 95 -12.11 18.35 -10.91
C ILE B 95 -10.89 18.99 -10.24
N GLY B 96 -9.92 18.16 -9.86
CA GLY B 96 -8.69 18.63 -9.23
C GLY B 96 -7.88 19.56 -10.09
N ALA B 97 -8.08 19.47 -11.41
CA ALA B 97 -7.39 20.31 -12.39
C ALA B 97 -8.11 21.65 -12.62
N ASN B 98 -9.16 21.90 -11.84
CA ASN B 98 -10.00 23.09 -11.99
C ASN B 98 -10.56 23.24 -13.42
N LEU B 99 -10.84 22.11 -14.06
CA LEU B 99 -11.36 22.08 -15.44
C LEU B 99 -12.88 21.97 -15.48
N VAL B 100 -13.46 21.20 -14.56
CA VAL B 100 -14.91 21.11 -14.41
C VAL B 100 -15.35 21.25 -12.94
N LYS B 101 -16.59 21.67 -12.73
CA LYS B 101 -17.15 21.77 -11.38
C LYS B 101 -17.68 20.43 -10.91
N ASP B 102 -18.25 19.69 -11.85
CA ASP B 102 -19.06 18.52 -11.58
C ASP B 102 -18.88 17.61 -12.79
N LEU B 103 -18.50 16.35 -12.54
CA LEU B 103 -18.28 15.41 -13.64
C LEU B 103 -19.55 15.06 -14.41
N LYS B 104 -20.68 15.04 -13.71
CA LYS B 104 -21.96 14.74 -14.33
C LYS B 104 -22.52 15.97 -15.04
N LYS B 105 -22.35 17.14 -14.41
CA LYS B 105 -22.81 18.41 -14.99
C LYS B 105 -21.66 19.44 -15.00
N PRO B 106 -20.82 19.40 -16.06
CA PRO B 106 -19.63 20.27 -16.15
C PRO B 106 -19.91 21.76 -15.96
N GLY B 107 -21.00 22.24 -16.56
CA GLY B 107 -21.51 23.59 -16.31
C GLY B 107 -20.93 24.71 -17.16
N GLY B 108 -19.88 24.40 -17.93
CA GLY B 108 -19.23 25.40 -18.78
C GLY B 108 -18.94 24.94 -20.20
N ASN B 109 -17.83 25.39 -20.76
CA ASN B 109 -17.46 25.06 -22.14
C ASN B 109 -16.50 23.87 -22.28
N VAL B 110 -16.26 23.16 -21.17
CA VAL B 110 -15.32 22.05 -21.11
C VAL B 110 -16.02 20.72 -20.82
N THR B 111 -15.77 19.73 -21.67
CA THR B 111 -16.09 18.33 -21.38
C THR B 111 -14.94 17.47 -21.92
N GLY B 112 -15.08 16.15 -21.93
CA GLY B 112 -14.07 15.31 -22.56
C GLY B 112 -13.95 13.92 -21.98
N VAL B 113 -12.78 13.31 -22.22
CA VAL B 113 -12.47 11.93 -21.79
C VAL B 113 -11.42 11.92 -20.66
N SER B 114 -11.69 11.15 -19.59
CA SER B 114 -10.86 11.08 -18.40
C SER B 114 -10.36 9.66 -18.12
N ASP B 115 -9.04 9.49 -18.07
CA ASP B 115 -8.39 8.21 -17.77
C ASP B 115 -8.04 8.13 -16.29
N HIS B 116 -8.88 7.46 -15.50
CA HIS B 116 -8.61 7.27 -14.08
CA HIS B 116 -8.62 7.26 -14.08
C HIS B 116 -7.53 6.23 -13.84
N ASN B 117 -6.59 6.53 -12.95
CA ASN B 117 -5.53 5.57 -12.65
C ASN B 117 -5.99 4.46 -11.72
N PRO B 118 -5.82 3.17 -12.11
CA PRO B 118 -6.28 2.06 -11.24
C PRO B 118 -5.30 1.78 -10.09
N ALA B 119 -5.29 2.70 -9.13
CA ALA B 119 -4.36 2.68 -8.03
C ALA B 119 -4.48 1.43 -7.16
N GLN B 120 -5.70 1.03 -6.80
CA GLN B 120 -5.86 -0.16 -5.96
C GLN B 120 -5.25 -1.39 -6.64
N GLN B 121 -5.52 -1.57 -7.93
CA GLN B 121 -5.00 -2.70 -8.69
C GLN B 121 -3.45 -2.66 -8.78
N GLN B 122 -2.89 -1.46 -8.92
CA GLN B 122 -1.44 -1.34 -8.90
C GLN B 122 -0.85 -1.75 -7.56
N VAL B 123 -1.45 -1.31 -6.45
CA VAL B 123 -0.96 -1.73 -5.15
C VAL B 123 -0.99 -3.25 -5.04
N GLU B 124 -2.08 -3.88 -5.48
CA GLU B 124 -2.19 -5.34 -5.37
C GLU B 124 -1.12 -6.03 -6.22
N LEU B 125 -0.82 -5.45 -7.37
CA LEU B 125 0.18 -6.03 -8.25
C LEU B 125 1.58 -5.91 -7.65
N ILE B 126 1.88 -4.77 -7.05
CA ILE B 126 3.15 -4.59 -6.35
C ILE B 126 3.32 -5.60 -5.22
N LYS B 127 2.27 -5.78 -4.43
CA LYS B 127 2.31 -6.77 -3.34
C LYS B 127 2.53 -8.18 -3.86
N ALA B 128 1.97 -8.50 -5.01
CA ALA B 128 2.06 -9.87 -5.57
C ALA B 128 3.42 -10.16 -6.20
N LEU B 129 3.94 -9.20 -6.97
CA LEU B 129 5.23 -9.40 -7.64
C LEU B 129 6.40 -9.23 -6.71
N THR B 130 6.28 -8.26 -5.80
CA THR B 130 7.40 -7.91 -4.92
C THR B 130 6.88 -7.74 -3.49
N PRO B 131 6.59 -8.87 -2.83
CA PRO B 131 6.03 -8.85 -1.48
C PRO B 131 7.02 -8.37 -0.43
N ASN B 132 8.31 -8.28 -0.77
CA ASN B 132 9.30 -7.73 0.16
C ASN B 132 9.39 -6.21 0.13
N VAL B 133 8.63 -5.57 -0.75
CA VAL B 133 8.61 -4.11 -0.82
C VAL B 133 7.83 -3.59 0.38
N LYS B 134 8.46 -2.71 1.15
CA LYS B 134 7.78 -2.05 2.28
C LYS B 134 7.61 -0.56 1.98
N THR B 135 8.57 0.03 1.28
CA THR B 135 8.53 1.47 0.98
C THR B 135 8.55 1.67 -0.52
N ILE B 136 7.59 2.46 -1.02
CA ILE B 136 7.51 2.82 -2.43
C ILE B 136 7.85 4.29 -2.57
N GLY B 137 8.69 4.63 -3.54
CA GLY B 137 8.92 6.02 -3.89
C GLY B 137 8.03 6.44 -5.05
N ALA B 138 7.25 7.50 -4.86
CA ALA B 138 6.40 8.04 -5.91
C ALA B 138 7.17 9.13 -6.64
N LEU B 139 7.42 8.91 -7.92
CA LEU B 139 8.16 9.86 -8.76
C LEU B 139 7.18 10.51 -9.72
N TYR B 140 7.08 11.84 -9.66
CA TYR B 140 6.06 12.53 -10.44
C TYR B 140 6.43 14.00 -10.48
N SER B 141 5.69 14.75 -11.29
CA SER B 141 5.93 16.20 -11.43
C SER B 141 5.03 17.04 -10.53
N SER B 142 5.62 18.05 -9.88
CA SER B 142 4.85 18.99 -9.07
C SER B 142 4.04 19.95 -9.95
N SER B 143 4.34 19.98 -11.25
CA SER B 143 3.62 20.80 -12.23
C SER B 143 2.33 20.15 -12.74
N GLU B 144 2.09 18.89 -12.37
CA GLU B 144 0.96 18.15 -12.96
C GLU B 144 -0.16 17.88 -11.97
N ASP B 145 -1.26 18.61 -12.12
CA ASP B 145 -2.40 18.40 -11.22
C ASP B 145 -2.96 16.97 -11.30
N ASN B 146 -2.91 16.36 -12.48
CA ASN B 146 -3.27 14.95 -12.63
C ASN B 146 -2.50 14.09 -11.64
N SER B 147 -1.23 14.38 -11.42
CA SER B 147 -0.42 13.54 -10.55
C SER B 147 -0.67 13.80 -9.09
N LYS B 148 -0.99 15.05 -8.75
CA LYS B 148 -1.23 15.41 -7.36
C LYS B 148 -2.30 14.50 -6.75
N THR B 149 -3.40 14.37 -7.48
CA THR B 149 -4.54 13.55 -7.08
CA THR B 149 -4.49 13.56 -6.97
C THR B 149 -4.18 12.07 -7.05
N GLN B 150 -3.50 11.62 -8.10
CA GLN B 150 -3.15 10.20 -8.21
C GLN B 150 -2.24 9.76 -7.09
N VAL B 151 -1.33 10.63 -6.68
CA VAL B 151 -0.40 10.30 -5.58
C VAL B 151 -1.20 10.17 -4.27
N GLU B 152 -2.15 11.04 -4.00
CA GLU B 152 -2.93 10.94 -2.78
C GLU B 152 -3.78 9.68 -2.75
N GLU B 153 -4.40 9.35 -3.84
CA GLU B 153 -5.19 8.14 -3.90
C GLU B 153 -4.34 6.87 -3.78
N PHE B 154 -3.22 6.84 -4.48
CA PHE B 154 -2.33 5.71 -4.40
C PHE B 154 -1.79 5.53 -2.99
N LYS B 155 -1.40 6.61 -2.38
CA LYS B 155 -0.99 6.58 -1.03
C LYS B 155 -1.99 5.95 -0.09
N ALA B 156 -3.24 6.36 -0.19
CA ALA B 156 -4.32 5.81 0.63
C ALA B 156 -4.42 4.30 0.47
N TYR B 157 -4.42 3.81 -0.78
CA TYR B 157 -4.54 2.38 -1.03
C TYR B 157 -3.29 1.64 -0.55
N ALA B 158 -2.12 2.23 -0.76
CA ALA B 158 -0.88 1.62 -0.34
C ALA B 158 -0.85 1.45 1.16
N GLU B 159 -1.24 2.49 1.89
CA GLU B 159 -1.24 2.42 3.35
C GLU B 159 -2.26 1.42 3.87
N LYS B 160 -3.43 1.37 3.22
CA LYS B 160 -4.45 0.38 3.58
C LYS B 160 -3.90 -1.04 3.48
N ALA B 161 -2.99 -1.24 2.52
CA ALA B 161 -2.40 -2.54 2.23
C ALA B 161 -1.05 -2.73 2.94
N GLY B 162 -0.75 -1.89 3.92
CA GLY B 162 0.43 -2.08 4.78
C GLY B 162 1.74 -1.53 4.26
N LEU B 163 1.68 -0.70 3.21
CA LEU B 163 2.89 -0.14 2.59
C LEU B 163 3.08 1.35 2.93
N THR B 164 4.28 1.87 2.72
CA THR B 164 4.66 3.28 2.99
C THR B 164 4.92 3.87 1.62
N VAL B 165 4.48 5.11 1.39
CA VAL B 165 4.83 5.86 0.18
C VAL B 165 5.59 7.13 0.56
N GLU B 166 6.78 7.29 -0.01
CA GLU B 166 7.56 8.51 0.15
C GLU B 166 7.50 9.24 -1.19
N THR B 167 7.27 10.55 -1.15
CA THR B 167 7.11 11.29 -2.39
C THR B 167 8.41 11.95 -2.85
N PHE B 168 8.63 11.90 -4.15
CA PHE B 168 9.80 12.47 -4.82
C PHE B 168 9.35 13.25 -6.05
N ALA B 169 8.76 14.41 -5.80
CA ALA B 169 8.28 15.26 -6.87
C ALA B 169 9.44 16.03 -7.51
N VAL B 170 9.34 16.20 -8.82
CA VAL B 170 10.27 17.03 -9.56
C VAL B 170 9.49 18.16 -10.22
N PRO B 171 10.10 19.35 -10.35
CA PRO B 171 9.36 20.44 -11.00
C PRO B 171 9.45 20.42 -12.52
N SER B 172 10.37 19.62 -13.06
CA SER B 172 10.57 19.47 -14.50
C SER B 172 11.40 18.23 -14.78
N THR B 173 11.59 17.94 -16.07
CA THR B 173 12.42 16.80 -16.48
CA THR B 173 12.41 16.80 -16.47
C THR B 173 13.88 16.95 -16.05
N ASN B 174 14.33 18.20 -15.87
CA ASN B 174 15.72 18.47 -15.50
C ASN B 174 16.16 17.71 -14.25
N GLU B 175 15.25 17.54 -13.31
CA GLU B 175 15.61 17.01 -12.01
C GLU B 175 15.44 15.49 -11.92
N ILE B 176 15.01 14.85 -13.00
CA ILE B 176 14.68 13.41 -12.92
C ILE B 176 15.87 12.57 -12.48
N ALA B 177 17.03 12.75 -13.13
CA ALA B 177 18.17 11.87 -12.87
C ALA B 177 18.68 11.94 -11.43
N SER B 178 18.87 13.16 -10.94
CA SER B 178 19.35 13.35 -9.58
C SER B 178 18.33 12.87 -8.55
N THR B 179 17.05 13.09 -8.83
CA THR B 179 15.99 12.60 -7.93
C THR B 179 15.93 11.07 -7.86
N VAL B 180 16.05 10.42 -9.01
CA VAL B 180 16.08 8.95 -9.03
C VAL B 180 17.29 8.42 -8.23
N THR B 181 18.44 9.06 -8.39
CA THR B 181 19.64 8.68 -7.64
C THR B 181 19.40 8.75 -6.13
N VAL B 182 18.77 9.82 -5.65
CA VAL B 182 18.42 9.94 -4.23
C VAL B 182 17.41 8.88 -3.80
N MSE B 183 16.35 8.73 -4.59
CA MSE B 183 15.27 7.87 -4.16
CA MSE B 183 15.23 7.85 -4.25
C MSE B 183 15.67 6.40 -4.08
O MSE B 183 15.19 5.70 -3.19
CB MSE B 183 14.02 8.07 -5.01
CB MSE B 183 14.13 7.99 -5.34
CG MSE B 183 14.03 7.36 -6.32
CG MSE B 183 12.88 7.14 -5.12
SE MSE B 183 12.61 8.08 -7.38
SE MSE B 183 11.48 7.49 -6.45
CE MSE B 183 11.08 7.14 -6.61
CE MSE B 183 12.63 7.40 -8.02
N THR B 184 16.56 5.93 -4.95
CA THR B 184 16.92 4.50 -4.92
C THR B 184 17.62 4.05 -3.65
N SER B 185 18.25 4.99 -2.95
CA SER B 185 18.90 4.68 -1.68
CA SER B 185 18.90 4.66 -1.68
C SER B 185 17.91 4.70 -0.51
N LYS B 186 16.67 5.08 -0.80
CA LYS B 186 15.65 5.29 0.23
C LYS B 186 14.43 4.36 0.11
N VAL B 187 14.22 3.74 -1.05
CA VAL B 187 12.97 3.03 -1.27
C VAL B 187 13.21 1.65 -1.84
N ASP B 188 12.18 0.81 -1.80
CA ASP B 188 12.27 -0.56 -2.32
C ASP B 188 11.75 -0.69 -3.74
N ALA B 189 10.93 0.25 -4.19
CA ALA B 189 10.32 0.20 -5.52
C ALA B 189 9.98 1.62 -5.91
N ILE B 190 9.93 1.87 -7.21
CA ILE B 190 9.59 3.18 -7.74
C ILE B 190 8.23 3.04 -8.41
N TRP B 191 7.31 3.94 -8.09
CA TRP B 191 6.01 3.99 -8.76
C TRP B 191 5.86 5.33 -9.44
N VAL B 192 5.32 5.32 -10.65
CA VAL B 192 5.09 6.55 -11.40
C VAL B 192 3.62 6.59 -11.76
N PRO B 193 2.91 7.68 -11.39
CA PRO B 193 1.51 7.82 -11.84
C PRO B 193 1.40 8.10 -13.34
N ILE B 194 0.18 8.36 -13.80
CA ILE B 194 -0.03 8.81 -15.18
C ILE B 194 0.42 10.27 -15.24
N ASP B 195 1.71 10.43 -15.54
CA ASP B 195 2.43 11.71 -15.39
C ASP B 195 3.21 11.99 -16.68
N ASN B 196 2.93 13.13 -17.29
CA ASN B 196 3.52 13.46 -18.58
C ASN B 196 5.01 13.75 -18.51
N THR B 197 5.41 14.43 -17.45
CA THR B 197 6.80 14.81 -17.26
C THR B 197 7.65 13.56 -17.17
N ILE B 198 7.27 12.65 -16.28
CA ILE B 198 8.05 11.41 -16.17
C ILE B 198 7.95 10.54 -17.42
N ALA B 199 6.76 10.46 -18.05
CA ALA B 199 6.63 9.68 -19.28
C ALA B 199 7.57 10.20 -20.37
N SER B 200 7.70 11.53 -20.45
CA SER B 200 8.57 12.17 -21.45
C SER B 200 10.06 11.98 -21.18
N GLY B 201 10.42 11.67 -19.92
CA GLY B 201 11.79 11.45 -19.54
C GLY B 201 12.05 10.06 -19.00
N PHE B 202 11.21 9.09 -19.36
CA PHE B 202 11.30 7.79 -18.72
C PHE B 202 12.63 7.04 -18.87
N PRO B 203 13.26 7.09 -20.07
CA PRO B 203 14.58 6.45 -20.18
C PRO B 203 15.60 6.94 -19.16
N THR B 204 15.47 8.19 -18.71
CA THR B 204 16.35 8.73 -17.68
C THR B 204 16.13 8.03 -16.33
N VAL B 205 14.88 7.68 -16.03
CA VAL B 205 14.60 6.90 -14.83
C VAL B 205 15.32 5.54 -14.92
N VAL B 206 15.16 4.88 -16.07
CA VAL B 206 15.73 3.55 -16.27
C VAL B 206 17.24 3.60 -16.18
N SER B 207 17.86 4.59 -16.82
CA SER B 207 19.32 4.73 -16.79
C SER B 207 19.85 5.07 -15.40
N SER B 208 19.13 5.91 -14.66
CA SER B 208 19.58 6.31 -13.32
C SER B 208 19.40 5.17 -12.29
N ASN B 209 18.68 4.11 -12.67
CA ASN B 209 18.41 2.96 -11.79
C ASN B 209 19.21 1.73 -12.24
N GLN B 210 20.23 1.98 -13.06
CA GLN B 210 21.01 0.92 -13.69
C GLN B 210 21.63 -0.07 -12.72
N SER B 211 22.33 0.44 -11.71
CA SER B 211 23.03 -0.39 -10.71
CA SER B 211 23.01 -0.41 -10.75
C SER B 211 22.12 -0.82 -9.57
N SER B 212 21.19 0.07 -9.17
CA SER B 212 20.32 -0.17 -8.01
C SER B 212 19.24 -1.20 -8.33
N LYS B 213 18.72 -1.15 -9.56
CA LYS B 213 17.78 -2.17 -10.07
CA LYS B 213 17.79 -2.17 -10.08
C LYS B 213 16.53 -2.29 -9.22
N LYS B 214 16.05 -1.18 -8.66
CA LYS B 214 14.77 -1.22 -7.99
C LYS B 214 13.68 -1.51 -9.01
N PRO B 215 12.69 -2.35 -8.63
CA PRO B 215 11.59 -2.56 -9.57
C PRO B 215 10.82 -1.24 -9.78
N ILE B 216 10.47 -0.97 -11.04
CA ILE B 216 9.70 0.23 -11.40
C ILE B 216 8.30 -0.18 -11.86
N TYR B 217 7.31 0.48 -11.29
CA TYR B 217 5.90 0.26 -11.63
C TYR B 217 5.31 1.56 -12.21
N PRO B 218 5.50 1.77 -13.52
CA PRO B 218 5.13 3.05 -14.12
C PRO B 218 3.82 2.94 -14.88
N SER B 219 2.95 3.94 -14.72
CA SER B 219 1.55 3.83 -15.13
C SER B 219 1.31 4.05 -16.62
N ALA B 220 2.06 3.34 -17.46
CA ALA B 220 1.80 3.33 -18.90
C ALA B 220 2.48 2.14 -19.54
N THR B 221 1.77 1.49 -20.47
CA THR B 221 2.36 0.44 -21.30
C THR B 221 3.68 0.91 -21.92
N ALA B 222 3.69 2.13 -22.44
CA ALA B 222 4.89 2.67 -23.08
C ALA B 222 6.11 2.72 -22.15
N MSE B 223 5.88 2.96 -20.86
CA MSE B 223 6.96 2.95 -19.88
C MSE B 223 7.35 1.53 -19.51
O MSE B 223 8.54 1.21 -19.43
CB MSE B 223 6.58 3.78 -18.62
CG MSE B 223 6.48 5.29 -18.91
SE MSE B 223 6.32 6.40 -17.33
CE MSE B 223 4.39 6.46 -17.13
N VAL B 224 6.36 0.66 -19.27
CA VAL B 224 6.66 -0.75 -19.03
C VAL B 224 7.51 -1.33 -20.17
N GLU B 225 7.19 -0.98 -21.41
CA GLU B 225 7.89 -1.53 -22.58
C GLU B 225 9.40 -1.28 -22.59
N VAL B 226 9.82 -0.15 -22.01
CA VAL B 226 11.22 0.25 -22.11
C VAL B 226 11.97 0.19 -20.77
N GLY B 227 11.49 -0.64 -19.87
CA GLY B 227 12.26 -0.88 -18.66
C GLY B 227 11.48 -1.00 -17.37
N GLY B 228 10.20 -0.62 -17.39
CA GLY B 228 9.33 -0.86 -16.24
C GLY B 228 9.09 -2.35 -16.05
N LEU B 229 8.85 -2.76 -14.82
CA LEU B 229 8.49 -4.14 -14.53
C LEU B 229 7.04 -4.44 -14.90
N ALA B 230 6.11 -3.62 -14.41
CA ALA B 230 4.70 -3.91 -14.54
C ALA B 230 3.89 -2.71 -14.16
N SER B 231 2.64 -2.71 -14.61
CA SER B 231 1.61 -1.77 -14.16
C SER B 231 0.23 -2.31 -14.46
N VAL B 232 -0.75 -1.45 -14.20
CA VAL B 232 -2.15 -1.71 -14.55
C VAL B 232 -2.60 -0.45 -15.25
N VAL B 233 -3.12 -0.61 -16.47
CA VAL B 233 -3.21 0.50 -17.41
C VAL B 233 -4.51 0.49 -18.21
N ILE B 234 -4.81 1.66 -18.75
CA ILE B 234 -5.93 1.88 -19.67
C ILE B 234 -5.39 1.84 -21.10
N ASP B 235 -6.21 1.33 -22.02
CA ASP B 235 -5.85 1.32 -23.44
C ASP B 235 -5.83 2.71 -24.04
N GLN B 236 -4.67 3.10 -24.56
CA GLN B 236 -4.45 4.47 -25.03
C GLN B 236 -5.18 4.78 -26.34
N HIS B 237 -5.18 3.82 -27.26
CA HIS B 237 -5.87 4.03 -28.53
C HIS B 237 -7.36 4.21 -28.28
N ASP B 238 -7.93 3.42 -27.37
CA ASP B 238 -9.36 3.52 -27.02
C ASP B 238 -9.70 4.89 -26.44
N LEU B 239 -8.78 5.45 -25.65
CA LEU B 239 -8.97 6.82 -25.17
C LEU B 239 -9.06 7.81 -26.32
N GLY B 240 -8.16 7.67 -27.30
CA GLY B 240 -8.13 8.54 -28.47
C GLY B 240 -9.40 8.39 -29.30
N VAL B 241 -9.82 7.16 -29.58
CA VAL B 241 -11.02 6.94 -30.39
C VAL B 241 -12.25 7.55 -29.71
N ALA B 242 -12.35 7.40 -28.38
CA ALA B 242 -13.49 7.93 -27.61
C ALA B 242 -13.51 9.46 -27.66
N THR B 243 -12.33 10.06 -27.61
CA THR B 243 -12.17 11.49 -27.80
C THR B 243 -12.63 11.93 -29.20
N GLY B 244 -12.25 11.22 -30.21
CA GLY B 244 -12.74 11.52 -31.55
C GLY B 244 -14.26 11.47 -31.61
N LYS B 245 -14.90 10.52 -30.94
CA LYS B 245 -16.36 10.49 -30.84
C LYS B 245 -17.03 11.64 -30.09
N MSE B 246 -16.49 12.09 -28.96
CA MSE B 246 -16.86 13.26 -28.73
CA MSE B 246 -16.84 13.27 -28.70
C MSE B 246 -16.33 14.30 -29.80
O MSE B 246 -17.08 15.06 -29.26
CB MSE B 246 -16.25 13.46 -27.35
CB MSE B 246 -16.16 13.50 -27.34
CG MSE B 246 -17.13 12.94 -26.27
CG MSE B 246 -16.98 13.06 -26.13
SE MSE B 246 -16.10 12.37 -24.76
SE MSE B 246 -16.67 14.18 -24.55
CE MSE B 246 -17.42 12.82 -23.40
CE MSE B 246 -17.93 13.31 -23.33
N ILE B 247 -15.26 14.60 -30.51
CA ILE B 247 -15.03 15.70 -31.41
C ILE B 247 -15.95 15.70 -32.63
N VAL B 248 -16.22 14.54 -33.23
CA VAL B 248 -17.18 14.50 -34.32
C VAL B 248 -18.54 14.90 -33.82
N GLN B 249 -18.90 14.44 -32.65
CA GLN B 249 -20.17 14.75 -32.13
C GLN B 249 -20.51 16.15 -31.83
N VAL B 250 -19.81 16.77 -30.86
CA VAL B 250 -20.10 18.14 -30.33
C VAL B 250 -20.24 19.16 -31.46
N LEU B 251 -19.65 18.87 -32.60
CA LEU B 251 -19.62 19.56 -33.82
C LEU B 251 -21.17 19.55 -34.02
N LYS B 252 -21.88 18.53 -33.57
CA LYS B 252 -23.30 18.32 -33.91
C LYS B 252 -24.23 19.14 -33.07
N GLY B 253 -23.64 19.94 -32.23
CA GLY B 253 -24.33 20.46 -31.10
C GLY B 253 -24.64 20.13 -29.71
N ALA B 254 -24.04 19.09 -29.18
CA ALA B 254 -24.07 18.87 -27.77
C ALA B 254 -23.36 19.96 -27.04
N LYS B 255 -23.86 20.27 -25.86
CA LYS B 255 -23.29 21.31 -25.05
C LYS B 255 -22.54 20.71 -23.80
N PRO B 256 -21.32 21.22 -23.64
CA PRO B 256 -20.30 20.73 -22.76
C PRO B 256 -20.85 20.84 -21.39
N ALA B 257 -21.56 21.91 -21.17
CA ALA B 257 -22.01 22.27 -19.88
C ALA B 257 -22.90 21.10 -19.45
N ASP B 258 -23.67 20.55 -20.38
CA ASP B 258 -24.61 19.49 -20.10
C ASP B 258 -24.17 18.03 -20.34
N THR B 259 -22.97 17.89 -20.87
CA THR B 259 -22.41 16.61 -21.32
C THR B 259 -21.46 16.07 -20.25
N PRO B 260 -21.88 14.99 -19.54
CA PRO B 260 -21.01 14.42 -18.52
C PRO B 260 -19.63 14.02 -19.04
N VAL B 261 -18.61 14.14 -18.18
CA VAL B 261 -17.27 13.65 -18.50
C VAL B 261 -17.34 12.13 -18.70
N ASN B 262 -16.71 11.64 -19.77
CA ASN B 262 -16.58 10.21 -20.04
C ASN B 262 -15.40 9.63 -19.27
N VAL B 263 -15.69 8.96 -18.17
CA VAL B 263 -14.66 8.39 -17.31
C VAL B 263 -14.30 6.98 -17.72
N PHE B 264 -13.01 6.72 -17.96
CA PHE B 264 -12.48 5.36 -18.19
C PHE B 264 -11.89 4.88 -16.86
N SER B 265 -12.36 3.74 -16.33
CA SER B 265 -11.96 3.18 -15.02
C SER B 265 -11.62 1.71 -15.19
N THR B 266 -11.17 1.36 -16.36
CA THR B 266 -10.68 0.09 -16.73
C THR B 266 -9.23 -0.01 -16.17
N GLY B 267 -8.69 -1.17 -16.22
CA GLY B 267 -7.39 -1.44 -15.69
C GLY B 267 -7.09 -2.87 -16.05
N LYS B 268 -6.12 -3.11 -16.92
CA LYS B 268 -5.56 -4.45 -17.09
C LYS B 268 -4.07 -4.42 -16.85
N SER B 269 -3.55 -5.49 -16.27
CA SER B 269 -2.14 -5.54 -15.95
C SER B 269 -1.31 -5.70 -17.22
N VAL B 270 -0.08 -5.19 -17.16
CA VAL B 270 0.92 -5.39 -18.18
C VAL B 270 2.23 -5.69 -17.45
N ILE B 271 2.89 -6.79 -17.84
CA ILE B 271 4.13 -7.21 -17.20
C ILE B 271 5.19 -7.40 -18.28
N ASN B 272 6.35 -6.79 -18.07
CA ASN B 272 7.49 -6.96 -18.94
C ASN B 272 8.27 -8.19 -18.49
N LYS B 273 8.11 -9.29 -19.23
CA LYS B 273 8.69 -10.56 -18.84
C LYS B 273 10.20 -10.52 -18.83
N LYS B 274 10.81 -9.81 -19.79
CA LYS B 274 12.26 -9.73 -19.85
C LYS B 274 12.79 -9.09 -18.57
N ILE B 275 12.20 -7.97 -18.18
CA ILE B 275 12.63 -7.27 -16.98
C ILE B 275 12.39 -8.11 -15.73
N ALA B 276 11.22 -8.77 -15.65
CA ALA B 276 10.95 -9.65 -14.52
C ALA B 276 12.04 -10.72 -14.40
N GLN B 277 12.36 -11.36 -15.53
CA GLN B 277 13.38 -12.41 -15.55
CA GLN B 277 13.36 -12.41 -15.50
C GLN B 277 14.74 -11.87 -15.11
N GLU B 278 15.10 -10.69 -15.62
CA GLU B 278 16.41 -10.09 -15.28
C GLU B 278 16.49 -9.78 -13.79
N LEU B 279 15.38 -9.37 -13.20
CA LEU B 279 15.32 -8.99 -11.80
C LEU B 279 15.13 -10.20 -10.88
N GLY B 280 14.96 -11.40 -11.44
CA GLY B 280 14.66 -12.59 -10.63
C GLY B 280 13.29 -12.52 -10.00
N ILE B 281 12.35 -11.83 -10.65
CA ILE B 281 10.98 -11.67 -10.16
C ILE B 281 10.05 -12.59 -10.94
N THR B 282 9.60 -13.65 -10.29
CA THR B 282 8.70 -14.62 -10.92
C THR B 282 7.28 -14.04 -10.94
N ILE B 283 6.47 -14.47 -11.90
CA ILE B 283 5.08 -14.01 -11.97
C ILE B 283 4.19 -15.06 -11.31
N PRO B 284 3.55 -14.72 -10.17
CA PRO B 284 2.70 -15.71 -9.47
C PRO B 284 1.50 -16.15 -10.32
N GLU B 285 1.04 -17.37 -10.08
CA GLU B 285 -0.12 -17.88 -10.80
C GLU B 285 -1.30 -16.95 -10.62
N SER B 286 -1.43 -16.34 -9.44
CA SER B 286 -2.56 -15.46 -9.19
CA SER B 286 -2.56 -15.44 -9.19
C SER B 286 -2.57 -14.32 -10.21
N VAL B 287 -1.40 -13.83 -10.57
CA VAL B 287 -1.27 -12.73 -11.54
C VAL B 287 -1.52 -13.22 -12.97
N LEU B 288 -1.00 -14.40 -13.30
CA LEU B 288 -1.22 -14.97 -14.61
C LEU B 288 -2.67 -15.27 -14.94
N LYS B 289 -3.46 -15.62 -13.94
CA LYS B 289 -4.87 -15.93 -14.12
C LYS B 289 -5.67 -14.70 -14.57
N GLU B 290 -5.25 -13.52 -14.14
CA GLU B 290 -5.87 -12.24 -14.44
C GLU B 290 -5.04 -11.36 -15.42
N ALA B 291 -3.91 -11.82 -15.96
CA ALA B 291 -2.98 -10.96 -16.75
C ALA B 291 -3.59 -10.33 -18.03
N GLY B 292 -3.48 -9.03 -18.18
CA GLY B 292 -3.94 -8.39 -19.36
C GLY B 292 -2.95 -8.72 -20.46
N GLN B 293 -1.69 -8.54 -20.20
CA GLN B 293 -0.66 -8.87 -21.16
C GLN B 293 0.67 -9.13 -20.48
N VAL B 294 1.37 -10.10 -20.97
CA VAL B 294 2.75 -10.38 -20.59
C VAL B 294 3.55 -10.08 -21.83
N ILE B 295 4.38 -9.06 -21.77
CA ILE B 295 5.12 -8.55 -22.93
C ILE B 295 6.63 -8.74 -22.79
N TRP C . 1.93 -11.10 15.11
CA TRP C . 1.84 -11.92 16.35
C TRP C . 2.52 -13.24 16.15
O TRP C . 2.26 -14.20 16.88
CB TRP C . 0.37 -12.11 16.74
CG TRP C . -0.31 -10.79 17.02
CD1 TRP C . -1.14 -10.05 16.18
CD2 TRP C . -0.17 -10.00 18.25
NE1 TRP C . -1.52 -8.89 16.81
CE2 TRP C . -0.98 -8.80 18.03
CE3 TRP C . 0.53 -10.20 19.42
CZ2 TRP C . -1.03 -7.84 19.02
CZ3 TRP C . 0.46 -9.22 20.40
CH2 TRP C . -0.32 -8.07 20.20
OXT TRP C . 3.36 -13.34 15.24
N TRP D . -3.98 11.42 -18.21
CA TRP D . -2.77 12.32 -18.39
C TRP D . -3.11 13.69 -17.92
O TRP D . -4.09 13.90 -17.19
CB TRP D . -2.26 12.32 -19.84
CG TRP D . -1.83 10.94 -20.23
CD1 TRP D . -2.54 10.01 -21.00
CD2 TRP D . -0.58 10.25 -19.88
NE1 TRP D . -1.83 8.85 -21.12
CE2 TRP D . -0.63 8.91 -20.49
CE3 TRP D . 0.54 10.64 -19.13
CZ2 TRP D . 0.41 8.03 -20.30
CZ3 TRP D . 1.57 9.71 -18.97
CH2 TRP D . 1.52 8.44 -19.55
OXT TRP D . -2.41 14.67 -18.26
#